data_5CZU
#
_entry.id   5CZU
#
_cell.length_a   181.070
_cell.length_b   181.070
_cell.length_c   181.070
_cell.angle_alpha   90.00
_cell.angle_beta   90.00
_cell.angle_gamma   90.00
#
_symmetry.space_group_name_H-M   'F 4 3 2'
#
loop_
_entity.id
_entity.type
_entity.pdbx_description
1 polymer 'Ferritin light chain'
2 non-polymer N-[2-[2,5-bis(oxidanylidene)pyrrol-1-yl]ethyl]-2,3-bis(oxidanyl)benzamide
3 non-polymer 'SULFATE ION'
4 non-polymer 'CADMIUM ION'
5 non-polymer 'FE (III) ION'
6 non-polymer GLYCEROL
7 water water
#
_entity_poly.entity_id   1
_entity_poly.type   'polypeptide(L)'
_entity_poly.pdbx_seq_one_letter_code
;SSQIRQNYSTEVEAAVNRLVNLYLRASYTYLSLGFYFDRDDVALEGVCHFFRELAEEKREGAERLLKMQNQRGGRALFQD
LQKPSQDEWGTTLDAMKAAIVLEKSLNQALLDLHALGSCQADPHLADFLESHFLDEEVKLIKKMGDHLTNIQRLVGSQAG
LGEYLFERLTLKHD
;
_entity_poly.pdbx_strand_id   A
#
loop_
_chem_comp.id
_chem_comp.type
_chem_comp.name
_chem_comp.formula
4LF non-polymer N-[2-[2,5-bis(oxidanylidene)pyrrol-1-yl]ethyl]-2,3-bis(oxidanyl)benzamide 'C13 H12 N2 O5'
CD non-polymer 'CADMIUM ION' 'Cd 2'
FE non-polymer 'FE (III) ION' 'Fe 3'
GOL non-polymer GLYCEROL 'C3 H8 O3'
SO4 non-polymer 'SULFATE ION' 'O4 S -2'
#
# COMPACT_ATOMS: atom_id res chain seq x y z
N SER A 1 15.00 21.89 -16.61
CA SER A 1 13.59 21.49 -16.16
C SER A 1 12.62 20.84 -17.18
N SER A 2 11.91 21.78 -17.80
CA SER A 2 11.68 21.84 -19.19
C SER A 2 12.97 21.61 -20.01
N GLN A 3 14.17 21.64 -19.39
CA GLN A 3 15.36 21.18 -20.16
C GLN A 3 15.42 19.68 -20.54
N ILE A 4 14.75 18.83 -19.79
CA ILE A 4 14.75 17.38 -20.10
C ILE A 4 13.36 16.87 -20.48
N ARG A 5 12.31 17.59 -20.13
CA ARG A 5 10.94 17.01 -20.20
C ARG A 5 10.56 16.73 -21.66
N GLN A 6 10.07 15.51 -21.91
CA GLN A 6 9.73 15.13 -23.27
C GLN A 6 8.63 14.12 -23.19
N ASN A 7 7.48 14.34 -23.89
CA ASN A 7 6.38 13.38 -23.91
C ASN A 7 5.81 13.14 -22.54
N TYR A 8 5.84 14.15 -21.66
CA TYR A 8 5.35 13.95 -20.26
C TYR A 8 4.26 15.00 -19.96
N SER A 9 3.00 14.55 -20.05
CA SER A 9 1.87 15.50 -19.95
C SER A 9 1.65 16.07 -18.58
N THR A 10 1.00 17.24 -18.54
CA THR A 10 0.65 17.82 -17.22
C THR A 10 -0.33 16.92 -16.51
N GLU A 11 -1.16 16.20 -17.24
CA GLU A 11 -2.13 15.28 -16.60
C GLU A 11 -1.43 14.13 -15.87
N VAL A 12 -0.43 13.58 -16.49
CA VAL A 12 0.33 12.47 -15.85
C VAL A 12 1.11 13.03 -14.67
N GLU A 13 1.76 14.20 -14.85
CA GLU A 13 2.55 14.79 -13.75
C GLU A 13 1.68 14.98 -12.50
N ALA A 14 0.44 15.50 -12.71
CA ALA A 14 -0.39 15.75 -11.50
C ALA A 14 -0.87 14.39 -10.94
N ALA A 15 -1.22 13.41 -11.76
CA ALA A 15 -1.71 12.15 -11.25
C ALA A 15 -0.57 11.44 -10.52
N VAL A 16 0.69 11.59 -11.00
CA VAL A 16 1.81 10.98 -10.23
C VAL A 16 1.92 11.60 -8.84
N ASN A 17 1.77 12.97 -8.74
CA ASN A 17 1.84 13.60 -7.38
C ASN A 17 0.67 13.08 -6.54
N ARG A 18 -0.53 12.83 -7.09
CA ARG A 18 -1.65 12.30 -6.31
C ARG A 18 -1.33 10.85 -5.90
N LEU A 19 -0.72 10.09 -6.78
CA LEU A 19 -0.36 8.70 -6.44
C LEU A 19 0.69 8.65 -5.33
N VAL A 20 1.65 9.56 -5.36
CA VAL A 20 2.61 9.64 -4.24
C VAL A 20 1.84 9.89 -2.93
N ASN A 21 0.89 10.84 -2.91
CA ASN A 21 0.10 11.08 -1.72
C ASN A 21 -0.62 9.81 -1.29
N LEU A 22 -1.18 9.05 -2.22
CA LEU A 22 -1.93 7.84 -1.80
CA LEU A 22 -1.92 7.83 -1.84
C LEU A 22 -0.96 6.82 -1.23
N TYR A 23 0.23 6.65 -1.84
CA TYR A 23 1.19 5.67 -1.27
C TYR A 23 1.68 6.14 0.13
N LEU A 24 1.94 7.43 0.29
CA LEU A 24 2.40 7.87 1.64
C LEU A 24 1.26 7.78 2.60
N ARG A 25 0.01 8.01 2.24
CA ARG A 25 -1.14 7.78 3.16
CA ARG A 25 -1.12 7.79 3.15
C ARG A 25 -1.21 6.32 3.54
N ALA A 26 -0.98 5.40 2.56
CA ALA A 26 -1.10 3.95 2.86
C ALA A 26 0.09 3.61 3.80
N SER A 27 1.28 4.20 3.60
CA SER A 27 2.37 3.92 4.54
C SER A 27 2.01 4.38 5.97
N TYR A 28 1.35 5.53 6.07
CA TYR A 28 0.96 6.02 7.40
C TYR A 28 -0.09 5.11 8.02
N THR A 29 -1.05 4.63 7.19
CA THR A 29 -2.08 3.70 7.71
C THR A 29 -1.38 2.44 8.23
N TYR A 30 -0.38 1.95 7.47
CA TYR A 30 0.31 0.80 8.00
C TYR A 30 1.17 1.02 9.25
N LEU A 31 1.76 2.23 9.41
CA LEU A 31 2.46 2.57 10.63
C LEU A 31 1.43 2.45 11.77
N SER A 32 0.22 3.02 11.60
CA SER A 32 -0.75 2.96 12.70
C SER A 32 -1.19 1.52 12.95
N LEU A 33 -1.41 0.75 11.89
CA LEU A 33 -1.77 -0.69 12.11
C LEU A 33 -0.66 -1.41 12.86
N GLY A 34 0.58 -1.13 12.52
CA GLY A 34 1.74 -1.88 13.15
C GLY A 34 1.76 -1.52 14.67
N PHE A 35 1.71 -0.24 14.98
CA PHE A 35 1.79 0.09 16.44
C PHE A 35 0.53 -0.31 17.19
N TYR A 36 -0.65 -0.43 16.55
CA TYR A 36 -1.81 -0.89 17.29
C TYR A 36 -1.48 -2.36 17.74
N PHE A 37 -0.92 -3.19 16.81
CA PHE A 37 -0.75 -4.60 17.20
C PHE A 37 0.43 -4.74 18.16
N ASP A 38 1.24 -3.69 18.40
CA ASP A 38 2.28 -3.71 19.45
C ASP A 38 1.73 -3.24 20.80
N ARG A 39 0.46 -2.84 20.91
CA ARG A 39 -0.13 -2.46 22.21
CA ARG A 39 -0.10 -2.47 22.22
C ARG A 39 -0.06 -3.67 23.14
N ASP A 40 0.22 -3.40 24.45
CA ASP A 40 0.20 -4.55 25.37
C ASP A 40 -1.13 -5.24 25.52
N ASP A 41 -2.23 -4.58 25.19
CA ASP A 41 -3.54 -5.23 25.20
C ASP A 41 -4.04 -5.75 23.87
N VAL A 42 -3.10 -5.85 22.92
CA VAL A 42 -3.37 -6.49 21.59
C VAL A 42 -2.29 -7.54 21.38
N ALA A 43 -1.04 -7.11 21.33
CA ALA A 43 0.12 -8.00 21.56
C ALA A 43 0.17 -9.17 20.60
N LEU A 44 0.20 -8.86 19.32
CA LEU A 44 0.37 -9.88 18.26
C LEU A 44 1.57 -9.47 17.45
N GLU A 45 2.76 -9.92 17.86
CA GLU A 45 4.01 -9.41 17.22
C GLU A 45 4.12 -9.67 15.75
N GLY A 46 3.68 -10.83 15.32
CA GLY A 46 3.79 -11.14 13.90
C GLY A 46 2.90 -10.19 13.07
N VAL A 47 1.77 -9.82 13.65
CA VAL A 47 0.86 -8.90 12.90
C VAL A 47 1.50 -7.50 12.88
N CYS A 48 2.01 -7.06 14.07
CA CYS A 48 2.76 -5.79 14.03
C CYS A 48 3.87 -5.80 12.94
N HIS A 49 4.67 -6.90 12.87
CA HIS A 49 5.77 -6.89 11.92
C HIS A 49 5.26 -6.91 10.52
N PHE A 50 4.16 -7.60 10.26
CA PHE A 50 3.62 -7.66 8.87
C PHE A 50 3.24 -6.21 8.45
N PHE A 51 2.55 -5.51 9.30
CA PHE A 51 2.15 -4.12 8.87
C PHE A 51 3.26 -3.14 8.89
N ARG A 52 4.21 -3.26 9.84
CA ARG A 52 5.35 -2.31 9.76
C ARG A 52 6.18 -2.52 8.52
N GLU A 53 6.36 -3.78 8.03
CA GLU A 53 7.07 -4.00 6.76
C GLU A 53 6.29 -3.38 5.61
N LEU A 54 4.94 -3.46 5.68
CA LEU A 54 4.19 -2.82 4.55
C LEU A 54 4.31 -1.31 4.63
N ALA A 55 4.42 -0.70 5.81
CA ALA A 55 4.65 0.74 5.84
C ALA A 55 5.92 1.09 5.12
N GLU A 56 6.95 0.29 5.30
CA GLU A 56 8.18 0.58 4.57
C GLU A 56 8.01 0.32 3.07
N GLU A 57 7.32 -0.76 2.66
CA GLU A 57 7.16 -0.98 1.21
C GLU A 57 6.39 0.19 0.58
N LYS A 58 5.34 0.71 1.20
CA LYS A 58 4.61 1.78 0.57
C LYS A 58 5.43 3.05 0.52
N ARG A 59 6.22 3.34 1.56
CA ARG A 59 7.11 4.54 1.45
C ARG A 59 8.06 4.34 0.29
N GLU A 60 8.62 3.16 0.15
CA GLU A 60 9.53 2.89 -0.98
C GLU A 60 8.85 3.12 -2.34
N GLY A 61 7.61 2.76 -2.46
CA GLY A 61 6.84 2.96 -3.73
C GLY A 61 6.75 4.44 -3.96
N ALA A 62 6.35 5.21 -2.90
CA ALA A 62 6.30 6.65 -3.08
C ALA A 62 7.63 7.24 -3.51
N GLU A 63 8.73 6.82 -2.93
CA GLU A 63 10.04 7.35 -3.26
C GLU A 63 10.37 6.94 -4.73
N ARG A 64 10.01 5.75 -5.18
CA ARG A 64 10.28 5.41 -6.59
C ARG A 64 9.47 6.36 -7.54
N LEU A 65 8.22 6.61 -7.18
CA LEU A 65 7.43 7.54 -7.99
C LEU A 65 8.02 8.91 -8.02
N LEU A 66 8.53 9.38 -6.87
CA LEU A 66 9.09 10.73 -6.81
C LEU A 66 10.41 10.75 -7.66
N LYS A 67 11.23 9.72 -7.60
CA LYS A 67 12.45 9.66 -8.42
C LYS A 67 12.02 9.73 -9.86
N MET A 68 10.97 8.97 -10.22
CA MET A 68 10.50 9.01 -11.62
C MET A 68 9.98 10.36 -12.04
N GLN A 69 9.26 11.08 -11.18
CA GLN A 69 8.74 12.43 -11.47
C GLN A 69 9.92 13.29 -11.91
N ASN A 70 10.97 13.24 -11.11
CA ASN A 70 12.17 14.07 -11.43
C ASN A 70 12.90 13.53 -12.70
N GLN A 71 12.93 12.20 -12.90
CA GLN A 71 13.64 11.71 -14.12
C GLN A 71 12.89 12.24 -15.37
N ARG A 72 11.58 12.42 -15.26
CA ARG A 72 10.83 12.85 -16.46
C ARG A 72 10.74 14.37 -16.52
N GLY A 73 11.22 15.10 -15.51
CA GLY A 73 11.15 16.55 -15.65
C GLY A 73 9.92 17.18 -15.08
N GLY A 74 9.09 16.38 -14.41
CA GLY A 74 7.89 16.93 -13.72
C GLY A 74 8.37 17.47 -12.35
N ARG A 75 7.39 18.05 -11.64
CA ARG A 75 7.76 18.68 -10.36
CA ARG A 75 7.71 18.76 -10.35
C ARG A 75 6.93 18.05 -9.26
N ALA A 76 7.64 17.47 -8.30
CA ALA A 76 6.97 16.86 -7.13
C ALA A 76 6.27 17.99 -6.38
N LEU A 77 5.02 17.73 -6.00
CA LEU A 77 4.25 18.66 -5.15
C LEU A 77 3.68 17.79 -4.11
N PHE A 78 3.81 18.21 -2.85
CA PHE A 78 3.26 17.41 -1.75
C PHE A 78 2.05 18.07 -1.14
N GLN A 79 1.14 17.23 -0.75
CA GLN A 79 -0.03 17.68 -0.01
C GLN A 79 -0.05 17.09 1.37
N ASP A 80 -1.00 17.61 2.19
CA ASP A 80 -1.09 16.95 3.47
C ASP A 80 -1.37 15.49 3.43
N LEU A 81 -0.92 14.77 4.46
CA LEU A 81 -1.12 13.35 4.52
C LEU A 81 -2.28 13.17 5.48
N GLN A 82 -3.46 12.75 5.01
CA GLN A 82 -4.58 12.55 5.91
C GLN A 82 -4.29 11.38 6.86
N LYS A 83 -4.71 11.63 8.10
CA LYS A 83 -4.54 10.60 9.11
C LYS A 83 -5.32 9.32 8.68
N PRO A 84 -4.91 8.15 9.21
CA PRO A 84 -5.64 6.92 8.91
C PRO A 84 -7.06 6.94 9.29
N SER A 85 -7.82 6.06 8.66
CA SER A 85 -9.29 5.99 8.82
C SER A 85 -9.77 5.58 10.17
N GLN A 86 -8.96 4.87 10.91
CA GLN A 86 -9.31 4.38 12.25
C GLN A 86 -8.15 4.65 13.25
N ASP A 87 -8.52 4.80 14.54
CA ASP A 87 -7.48 4.88 15.57
C ASP A 87 -7.23 3.54 16.20
N GLU A 88 -8.20 2.64 16.16
CA GLU A 88 -8.02 1.27 16.70
C GLU A 88 -8.51 0.35 15.62
N TRP A 89 -7.86 -0.82 15.44
CA TRP A 89 -8.09 -1.60 14.23
C TRP A 89 -8.74 -2.95 14.46
N GLY A 90 -9.21 -3.20 15.67
CA GLY A 90 -9.99 -4.43 15.89
C GLY A 90 -9.14 -5.69 15.91
N THR A 91 -9.69 -6.74 15.36
CA THR A 91 -8.95 -7.99 15.35
C THR A 91 -8.05 -8.11 14.12
N THR A 92 -7.23 -9.18 14.07
CA THR A 92 -6.39 -9.41 12.90
C THR A 92 -7.28 -9.50 11.70
N LEU A 93 -8.45 -10.14 11.81
CA LEU A 93 -9.34 -10.27 10.66
C LEU A 93 -9.82 -8.88 10.21
N ASP A 94 -10.20 -8.01 11.14
CA ASP A 94 -10.64 -6.67 10.73
C ASP A 94 -9.52 -5.91 10.04
N ALA A 95 -8.33 -6.06 10.62
CA ALA A 95 -7.18 -5.33 10.08
C ALA A 95 -6.80 -5.82 8.66
N MET A 96 -6.82 -7.14 8.47
CA MET A 96 -6.46 -7.68 7.19
C MET A 96 -7.52 -7.32 6.14
N LYS A 97 -8.80 -7.26 6.55
CA LYS A 97 -9.84 -6.77 5.59
C LYS A 97 -9.54 -5.31 5.28
N ALA A 98 -9.16 -4.46 6.28
CA ALA A 98 -8.93 -3.05 5.92
C ALA A 98 -7.71 -2.95 5.04
N ALA A 99 -6.73 -3.82 5.22
CA ALA A 99 -5.56 -3.74 4.39
C ALA A 99 -5.88 -4.13 2.92
N ILE A 100 -6.69 -5.17 2.70
CA ILE A 100 -6.95 -5.53 1.33
CA ILE A 100 -7.05 -5.53 1.34
C ILE A 100 -7.83 -4.43 0.66
N VAL A 101 -8.73 -3.80 1.41
CA VAL A 101 -9.47 -2.61 0.83
C VAL A 101 -8.47 -1.51 0.45
N LEU A 102 -7.51 -1.26 1.30
CA LEU A 102 -6.50 -0.20 0.99
C LEU A 102 -5.70 -0.57 -0.24
N GLU A 103 -5.25 -1.85 -0.30
CA GLU A 103 -4.43 -2.25 -1.47
C GLU A 103 -5.25 -2.22 -2.74
N LYS A 104 -6.52 -2.63 -2.70
CA LYS A 104 -7.33 -2.60 -3.96
C LYS A 104 -7.52 -1.14 -4.37
N SER A 105 -7.56 -0.20 -3.37
CA SER A 105 -7.70 1.21 -3.84
C SER A 105 -6.39 1.75 -4.42
N LEU A 106 -5.22 1.31 -3.94
CA LEU A 106 -3.97 1.69 -4.54
C LEU A 106 -3.87 1.05 -5.94
N ASN A 107 -4.26 -0.23 -6.04
CA ASN A 107 -4.21 -0.91 -7.31
C ASN A 107 -5.09 -0.18 -8.34
N GLN A 108 -6.29 0.17 -7.91
CA GLN A 108 -7.13 0.88 -8.89
C GLN A 108 -6.51 2.21 -9.32
N ALA A 109 -5.85 2.88 -8.36
CA ALA A 109 -5.16 4.13 -8.77
C ALA A 109 -4.01 3.88 -9.75
N LEU A 110 -3.27 2.77 -9.53
CA LEU A 110 -2.23 2.41 -10.54
C LEU A 110 -2.86 2.16 -11.93
N LEU A 111 -3.98 1.40 -11.94
CA LEU A 111 -4.64 1.04 -13.19
C LEU A 111 -5.12 2.31 -13.86
N ASP A 112 -5.75 3.23 -13.11
CA ASP A 112 -6.22 4.46 -13.66
C ASP A 112 -5.05 5.27 -14.29
N LEU A 113 -3.89 5.31 -13.59
CA LEU A 113 -2.74 6.09 -14.11
C LEU A 113 -2.19 5.37 -15.36
N HIS A 114 -2.15 4.02 -15.34
CA HIS A 114 -1.73 3.32 -16.55
C HIS A 114 -2.62 3.70 -17.72
N ALA A 115 -3.93 3.72 -17.49
CA ALA A 115 -4.84 4.05 -18.61
C ALA A 115 -4.59 5.46 -19.12
N LEU A 116 -4.37 6.41 -18.19
CA LEU A 116 -4.10 7.78 -18.60
C LEU A 116 -2.82 7.83 -19.37
N GLY A 117 -1.78 7.16 -18.90
CA GLY A 117 -0.51 7.13 -19.65
C GLY A 117 -0.63 6.51 -21.01
N SER A 118 -1.29 5.38 -21.13
CA SER A 118 -1.50 4.72 -22.45
C SER A 118 -2.32 5.68 -23.37
N CYS A 119 -3.40 6.34 -22.85
CA CYS A 119 -4.23 7.31 -23.64
C CYS A 119 -3.36 8.45 -24.16
N GLN A 120 -2.40 8.88 -23.29
CA GLN A 120 -1.53 9.98 -23.80
CA GLN A 120 -1.45 10.05 -23.56
C GLN A 120 -0.27 9.51 -24.47
N ALA A 121 -0.19 8.24 -24.81
CA ALA A 121 0.92 7.65 -25.58
C ALA A 121 2.23 7.93 -24.89
N ASP A 122 2.23 7.55 -23.57
CA ASP A 122 3.42 7.77 -22.69
C ASP A 122 3.91 6.34 -22.27
N PRO A 123 4.65 5.65 -23.10
CA PRO A 123 5.01 4.25 -22.82
C PRO A 123 6.03 4.14 -21.74
N HIS A 124 6.80 5.20 -21.49
CA HIS A 124 7.75 5.06 -20.36
C HIS A 124 6.96 5.00 -19.05
N LEU A 125 5.91 5.84 -18.93
CA LEU A 125 5.06 5.75 -17.67
C LEU A 125 4.39 4.38 -17.61
N ALA A 126 3.79 3.97 -18.74
CA ALA A 126 3.10 2.68 -18.66
C ALA A 126 4.01 1.56 -18.27
N ASP A 127 5.19 1.44 -18.88
CA ASP A 127 6.13 0.41 -18.51
C ASP A 127 6.69 0.58 -17.09
N PHE A 128 6.82 1.82 -16.62
CA PHE A 128 7.27 2.00 -15.25
C PHE A 128 6.30 1.40 -14.27
N LEU A 129 5.00 1.60 -14.47
CA LEU A 129 4.04 1.05 -13.55
C LEU A 129 3.98 -0.48 -13.69
N GLU A 130 4.04 -0.98 -14.93
CA GLU A 130 3.99 -2.44 -15.16
C GLU A 130 5.18 -3.08 -14.55
N SER A 131 6.38 -2.49 -14.62
CA SER A 131 7.60 -3.14 -14.11
C SER A 131 7.78 -3.07 -12.64
N HIS A 132 7.35 -1.96 -12.03
CA HIS A 132 7.63 -1.80 -10.61
C HIS A 132 6.45 -1.82 -9.67
N PHE A 133 5.21 -1.74 -10.15
CA PHE A 133 4.06 -1.61 -9.29
C PHE A 133 2.93 -2.64 -9.48
N LEU A 134 2.59 -2.90 -10.78
CA LEU A 134 1.35 -3.71 -10.96
C LEU A 134 1.53 -5.14 -10.41
N ASP A 135 2.66 -5.81 -10.67
CA ASP A 135 2.74 -7.18 -10.15
C ASP A 135 3.04 -7.15 -8.69
N GLU A 136 3.77 -6.16 -8.15
CA GLU A 136 3.92 -6.10 -6.69
C GLU A 136 2.56 -6.05 -6.04
N GLU A 137 1.60 -5.26 -6.55
CA GLU A 137 0.32 -5.16 -5.95
C GLU A 137 -0.42 -6.45 -6.13
N VAL A 138 -0.39 -7.06 -7.32
CA VAL A 138 -1.14 -8.35 -7.44
C VAL A 138 -0.56 -9.42 -6.48
N LYS A 139 0.74 -9.49 -6.35
CA LYS A 139 1.37 -10.48 -5.36
C LYS A 139 0.91 -10.16 -3.94
N LEU A 140 0.92 -8.88 -3.60
CA LEU A 140 0.56 -8.54 -2.20
C LEU A 140 -0.91 -8.82 -1.95
N ILE A 141 -1.82 -8.50 -2.88
CA ILE A 141 -3.22 -8.69 -2.71
C ILE A 141 -3.46 -10.24 -2.59
N LYS A 142 -2.73 -11.02 -3.40
CA LYS A 142 -2.92 -12.50 -3.28
C LYS A 142 -2.47 -13.01 -1.93
N LYS A 143 -1.35 -12.52 -1.44
CA LYS A 143 -0.92 -12.93 -0.04
C LYS A 143 -1.93 -12.49 0.99
N MET A 144 -2.48 -11.30 0.85
CA MET A 144 -3.51 -10.86 1.87
C MET A 144 -4.75 -11.74 1.79
N GLY A 145 -5.17 -12.09 0.57
CA GLY A 145 -6.36 -12.95 0.40
C GLY A 145 -6.11 -14.36 1.05
N ASP A 146 -4.89 -14.89 0.79
CA ASP A 146 -4.51 -16.17 1.45
C ASP A 146 -4.53 -16.02 2.98
N HIS A 147 -4.02 -14.90 3.48
CA HIS A 147 -4.14 -14.72 4.92
C HIS A 147 -5.56 -14.58 5.39
N LEU A 148 -6.42 -13.82 4.69
CA LEU A 148 -7.75 -13.65 5.14
CA LEU A 148 -7.82 -13.67 5.15
C LEU A 148 -8.49 -15.02 5.23
N THR A 149 -8.25 -15.89 4.20
CA THR A 149 -8.90 -17.20 4.23
C THR A 149 -8.43 -18.03 5.46
N ASN A 150 -7.16 -17.98 5.76
CA ASN A 150 -6.64 -18.70 6.92
C ASN A 150 -7.16 -18.09 8.20
N ILE A 151 -7.22 -16.75 8.30
CA ILE A 151 -7.72 -16.19 9.56
C ILE A 151 -9.14 -16.58 9.70
N GLN A 152 -9.96 -16.52 8.63
CA GLN A 152 -11.38 -16.91 8.68
C GLN A 152 -11.60 -18.36 9.08
N ARG A 153 -10.75 -19.26 8.63
CA ARG A 153 -10.95 -20.67 8.97
C ARG A 153 -10.64 -20.89 10.42
N LEU A 154 -9.79 -20.04 10.97
CA LEU A 154 -9.36 -20.16 12.39
C LEU A 154 -10.32 -19.58 13.41
N VAL A 155 -11.27 -18.75 12.98
CA VAL A 155 -12.16 -18.13 13.98
C VAL A 155 -13.06 -19.19 14.58
N GLY A 156 -13.83 -19.79 13.68
CA GLY A 156 -14.78 -20.85 14.01
C GLY A 156 -15.57 -20.42 15.22
N SER A 157 -15.32 -21.14 16.32
CA SER A 157 -15.94 -20.92 17.64
C SER A 157 -14.91 -20.64 18.76
N GLN A 158 -13.60 -20.61 18.43
CA GLN A 158 -12.55 -20.19 19.39
C GLN A 158 -11.66 -19.11 18.80
N ALA A 159 -12.22 -17.91 18.76
CA ALA A 159 -11.58 -16.78 18.03
C ALA A 159 -10.20 -16.37 18.62
N GLY A 160 -10.06 -16.26 19.94
CA GLY A 160 -8.76 -15.98 20.54
C GLY A 160 -7.67 -17.00 20.17
N LEU A 161 -8.04 -18.28 20.31
CA LEU A 161 -7.09 -19.35 19.97
C LEU A 161 -6.68 -19.24 18.50
N GLY A 162 -7.66 -18.98 17.66
CA GLY A 162 -7.28 -18.91 16.21
C GLY A 162 -6.42 -17.69 15.95
N GLU A 163 -6.68 -16.56 16.61
CA GLU A 163 -5.86 -15.40 16.33
C GLU A 163 -4.40 -15.60 16.78
N TYR A 164 -4.23 -16.21 17.96
CA TYR A 164 -2.93 -16.56 18.37
C TYR A 164 -2.25 -17.51 17.42
N LEU A 165 -2.92 -18.61 17.02
CA LEU A 165 -2.21 -19.56 16.17
C LEU A 165 -1.80 -19.00 14.81
N PHE A 166 -2.66 -18.11 14.26
CA PHE A 166 -2.24 -17.53 12.97
C PHE A 166 -1.03 -16.66 13.08
N GLU A 167 -1.00 -15.85 14.16
CA GLU A 167 0.17 -15.06 14.37
C GLU A 167 1.47 -15.82 14.65
N ARG A 168 1.29 -16.94 15.39
CA ARG A 168 2.43 -17.73 15.71
C ARG A 168 2.92 -18.61 14.57
N LEU A 169 2.00 -19.12 13.74
CA LEU A 169 2.41 -20.19 12.80
C LEU A 169 2.43 -19.73 11.33
N THR A 170 1.79 -18.58 11.01
CA THR A 170 1.91 -18.05 9.63
C THR A 170 2.80 -16.87 9.61
N LEU A 171 2.61 -15.94 10.53
CA LEU A 171 3.37 -14.70 10.35
C LEU A 171 4.74 -14.78 10.96
N LYS A 172 5.64 -14.01 10.33
CA LYS A 172 7.06 -14.06 10.73
C LYS A 172 7.17 -13.30 12.06
N HIS A 173 7.88 -13.89 13.02
CA HIS A 173 8.08 -13.18 14.32
C HIS A 173 9.36 -13.65 14.91
N ASP A 174 9.77 -13.00 16.00
CA ASP A 174 10.99 -13.36 16.69
C ASP A 174 10.89 -14.69 17.46
N3 4LF B . -5.01 1.60 -23.36
C4 4LF B . -7.04 6.65 -23.48
C8 4LF B . -6.81 3.10 -23.98
C5 4LF B . -8.45 6.44 -22.93
C6 4LF B . -8.10 4.99 -22.63
O3 4LF B . -8.28 4.54 -21.46
C7 4LF B . -6.97 5.44 -24.43
O2 4LF B . -6.44 5.27 -25.54
N2 4LF B . -7.61 4.39 -23.83
C9 4LF B . -5.46 3.03 -23.28
C10 4LF B . -5.04 0.79 -22.27
O4 4LF B . -5.63 1.13 -21.22
C11 4LF B . -4.21 -0.49 -22.27
C12 4LF B . -4.25 -1.37 -21.14
C13 4LF B . -3.43 -2.48 -21.08
C14 4LF B . -2.51 -2.75 -22.12
C15 4LF B . -2.49 -1.85 -23.22
O6 4LF B . -1.60 -2.00 -24.27
C16 4LF B . -3.30 -0.71 -23.31
O5 4LF B . -3.21 0.11 -24.51
S SO4 C . 7.25 16.96 -26.33
O1 SO4 C . 8.58 17.17 -27.12
O2 SO4 C . 7.48 16.98 -24.87
O3 SO4 C . 6.42 15.76 -26.64
O4 SO4 C . 6.33 18.16 -26.60
CD CD D . -2.40 21.90 5.07
CD CD E . 9.49 -5.54 -18.35
CD CD F . 4.03 -2.93 -21.96
CD CD G . 7.77 -4.72 -19.49
FE FE H . -1.44 -0.31 -25.59
C1 GOL I . -11.15 0.97 -4.43
O1 GOL I . -10.82 -0.29 -5.04
C2 GOL I . -11.52 2.25 -5.20
O2 GOL I . -10.63 2.64 -6.19
C3 GOL I . -11.13 3.42 -4.33
O3 GOL I . -12.04 3.51 -3.27
#